data_2B4F
#
_entry.id   2B4F
#
_cell.length_a   50.711
_cell.length_b   91.099
_cell.length_c   99.633
_cell.angle_alpha   90.00
_cell.angle_beta   90.00
_cell.angle_gamma   90.00
#
_symmetry.space_group_name_H-M   'P 21 21 21'
#
loop_
_entity.id
_entity.type
_entity.pdbx_description
1 polymer endo-1,4-beta-xylanase
2 branched beta-D-xylopyranose-(1-4)-beta-D-xylopyranose-(1-4)-beta-D-xylopyranose-(1-4)-beta-D-xylopyranose-(1-4)-beta-D-xylopyranose
3 water water
#
_entity_poly.entity_id   1
_entity_poly.type   'polypeptide(L)'
_entity_poly.pdbx_seq_one_letter_code
;AFNNNPSSVGAYSSGTYRNLAQEMGKTNIQQKVNSTFDNMFGYNNTQQLYYPYTENGVYKAHYIKAINPDEGDDIRTEGQ
SWGMTAAVMLNKQEEFDNLWRFAKAYQKNPDNHPDAKKQGVYAWKLKLNQNGFVYKVDEGPAPAGEEYFAFALLNASARW
GNSGEFNYYNDAITMLNTIKNKLMENQIIRFSPYIDNLTDPSYHIPAFYDYFANNVTNQADKNYWRQVATKSRTLLKNHF
TKVSGSPHWNLPTFLSRLDGSPVIGYIFNGQANPGQWYEFDAWRVIMNVGLDAHLMGAQAWHKSAVNKALGFLSYAKTNN
SKNCYEQVYSYGGAQNRGCAGEGQKAANAVALLASTNAGQANEFFNEFWSLSQPTGDYRYYNGSLYMLAMLHVSGNFKFY
NNTFN
;
_entity_poly.pdbx_strand_id   A
#
loop_
_chem_comp.id
_chem_comp.type
_chem_comp.name
_chem_comp.formula
XYP D-saccharide, beta linking beta-D-xylopyranose 'C5 H10 O5'
#
# COMPACT_ATOMS: atom_id res chain seq x y z
N ALA A 1 14.01 -16.45 16.81
CA ALA A 1 14.90 -16.32 15.63
C ALA A 1 14.09 -16.19 14.33
N PHE A 2 14.67 -15.51 13.35
CA PHE A 2 14.03 -15.30 12.05
C PHE A 2 13.70 -16.64 11.40
N ASN A 3 12.45 -16.79 10.98
CA ASN A 3 12.06 -17.93 10.16
C ASN A 3 12.44 -17.69 8.69
N ASN A 4 13.58 -18.27 8.29
CA ASN A 4 14.08 -18.19 6.91
C ASN A 4 13.51 -19.24 5.96
N ASN A 5 12.46 -19.92 6.39
CA ASN A 5 11.78 -20.95 5.60
C ASN A 5 10.26 -20.69 5.61
N PRO A 6 9.83 -19.56 5.03
CA PRO A 6 8.42 -19.19 5.09
C PRO A 6 7.59 -20.25 4.38
N SER A 7 6.44 -20.53 4.97
CA SER A 7 5.58 -21.61 4.53
C SER A 7 4.93 -21.27 3.20
N SER A 8 4.73 -22.31 2.41
CA SER A 8 4.09 -22.21 1.12
C SER A 8 2.58 -22.13 1.31
N VAL A 9 2.14 -22.35 2.55
CA VAL A 9 0.75 -22.16 2.95
C VAL A 9 0.62 -20.82 3.69
N GLY A 10 -0.27 -19.98 3.20
CA GLY A 10 -0.44 -18.64 3.77
C GLY A 10 -1.28 -18.61 5.03
N ALA A 11 -1.15 -17.51 5.77
CA ALA A 11 -1.90 -17.28 7.00
C ALA A 11 -3.41 -17.22 6.76
N TYR A 12 -3.81 -16.80 5.57
CA TYR A 12 -5.21 -16.69 5.23
C TYR A 12 -5.88 -18.09 5.21
N SER A 13 -5.13 -19.09 4.78
CA SER A 13 -5.61 -20.48 4.79
CA SER A 13 -5.59 -20.48 4.77
C SER A 13 -5.48 -21.12 6.16
N SER A 14 -4.28 -21.05 6.75
CA SER A 14 -3.98 -21.70 8.03
C SER A 14 -4.52 -21.00 9.29
N GLY A 15 -4.78 -19.69 9.20
CA GLY A 15 -5.08 -18.88 10.38
C GLY A 15 -3.88 -18.55 11.25
N THR A 16 -2.70 -18.98 10.83
CA THR A 16 -1.46 -18.75 11.56
C THR A 16 -0.66 -17.55 11.03
N TYR A 17 -0.67 -16.46 11.79
CA TYR A 17 0.04 -15.24 11.41
C TYR A 17 1.39 -15.17 12.10
N ARG A 18 2.44 -14.97 11.31
CA ARG A 18 3.75 -14.64 11.83
C ARG A 18 3.75 -13.32 12.57
N ASN A 19 4.59 -13.27 13.60
CA ASN A 19 4.93 -12.04 14.32
C ASN A 19 6.41 -11.88 14.10
N LEU A 20 6.78 -11.08 13.09
CA LEU A 20 8.18 -10.95 12.68
C LEU A 20 9.01 -10.30 13.77
N ALA A 21 8.44 -9.31 14.46
CA ALA A 21 9.18 -8.62 15.52
C ALA A 21 9.53 -9.60 16.66
N GLN A 22 8.60 -10.51 16.95
CA GLN A 22 8.79 -11.56 17.95
C GLN A 22 9.90 -12.52 17.52
N GLU A 23 9.84 -12.96 16.26
CA GLU A 23 10.89 -13.80 15.67
C GLU A 23 12.26 -13.15 15.84
N MET A 24 12.32 -11.82 15.73
CA MET A 24 13.58 -11.09 15.80
C MET A 24 13.96 -10.71 17.22
N GLY A 25 13.22 -11.18 18.22
CA GLY A 25 13.61 -11.05 19.62
C GLY A 25 13.28 -9.70 20.26
N LYS A 26 12.32 -8.99 19.69
CA LYS A 26 11.93 -7.68 20.21
C LYS A 26 10.91 -7.84 21.31
N THR A 27 10.86 -6.86 22.20
CA THR A 27 9.89 -6.84 23.30
C THR A 27 8.98 -5.61 23.17
N ASN A 28 7.89 -5.63 23.95
CA ASN A 28 6.91 -4.55 23.99
C ASN A 28 6.41 -4.26 22.57
N ILE A 29 6.18 -5.33 21.80
CA ILE A 29 5.81 -5.21 20.40
C ILE A 29 4.44 -4.54 20.26
N GLN A 30 3.44 -5.10 20.93
CA GLN A 30 2.08 -4.61 20.83
C GLN A 30 1.93 -3.18 21.36
N GLN A 31 2.65 -2.83 22.42
CA GLN A 31 2.69 -1.46 22.91
C GLN A 31 3.24 -0.48 21.85
N LYS A 32 4.26 -0.88 21.12
CA LYS A 32 4.83 -0.04 20.08
C LYS A 32 3.84 0.17 18.91
N VAL A 33 3.12 -0.90 18.57
CA VAL A 33 2.09 -0.84 17.52
C VAL A 33 0.99 0.14 17.94
N ASN A 34 0.56 0.02 19.20
CA ASN A 34 -0.49 0.84 19.77
C ASN A 34 -0.12 2.30 19.83
N SER A 35 1.10 2.61 20.26
CA SER A 35 1.55 3.99 20.32
CA SER A 35 1.57 3.99 20.32
C SER A 35 1.72 4.55 18.90
N THR A 36 2.04 3.70 17.94
CA THR A 36 2.18 4.17 16.55
C THR A 36 0.82 4.70 16.08
N PHE A 37 -0.21 3.88 16.25
CA PHE A 37 -1.56 4.30 15.91
C PHE A 37 -1.99 5.57 16.70
N ASP A 38 -1.83 5.52 18.02
CA ASP A 38 -2.27 6.61 18.88
C ASP A 38 -1.64 7.95 18.52
N ASN A 39 -0.35 7.93 18.17
CA ASN A 39 0.38 9.11 17.77
C ASN A 39 -0.03 9.60 16.38
N MET A 40 -0.24 8.68 15.45
CA MET A 40 -0.65 9.06 14.10
C MET A 40 -2.07 9.63 14.09
N PHE A 41 -2.92 9.10 14.97
CA PHE A 41 -4.33 9.49 15.03
C PHE A 41 -4.66 10.43 16.20
N GLY A 42 -3.63 10.92 16.89
CA GLY A 42 -3.80 11.81 18.03
C GLY A 42 -3.54 13.25 17.63
N TYR A 43 -4.14 14.18 18.39
CA TYR A 43 -4.03 15.61 18.09
C TYR A 43 -2.76 16.19 18.73
N ASN A 44 -1.62 15.82 18.15
CA ASN A 44 -0.32 16.23 18.70
C ASN A 44 0.54 17.10 17.77
N ASN A 45 0.11 17.27 16.52
CA ASN A 45 0.85 18.04 15.51
C ASN A 45 2.30 17.64 15.34
N THR A 46 2.61 16.39 15.69
CA THR A 46 3.97 15.87 15.70
C THR A 46 4.07 14.67 14.76
N GLN A 47 3.57 13.51 15.19
CA GLN A 47 3.41 12.34 14.28
C GLN A 47 2.08 12.40 13.53
N GLN A 48 1.15 13.20 14.06
CA GLN A 48 -0.24 13.26 13.60
C GLN A 48 -0.40 13.33 12.08
N LEU A 49 -1.25 12.46 11.55
CA LEU A 49 -1.70 12.56 10.16
C LEU A 49 -3.23 12.65 9.98
N TYR A 50 -3.97 12.40 11.06
CA TYR A 50 -5.43 12.35 11.08
C TYR A 50 -6.01 13.66 11.59
N TYR A 51 -6.74 14.37 10.73
CA TYR A 51 -7.23 15.70 10.99
C TYR A 51 -8.73 15.82 10.75
N PRO A 52 -9.44 16.55 11.62
CA PRO A 52 -10.86 16.78 11.41
C PRO A 52 -11.09 17.79 10.26
N TYR A 53 -12.20 17.60 9.54
CA TYR A 53 -12.70 18.54 8.56
C TYR A 53 -14.05 19.09 9.09
N THR A 54 -14.13 20.41 9.20
CA THR A 54 -15.33 21.10 9.64
C THR A 54 -15.74 22.13 8.58
N GLU A 55 -17.05 22.43 8.52
CA GLU A 55 -17.58 23.45 7.62
C GLU A 55 -18.44 24.38 8.45
N ASN A 56 -18.06 25.65 8.49
CA ASN A 56 -18.74 26.64 9.30
C ASN A 56 -18.91 26.25 10.79
N GLY A 57 -17.85 25.68 11.35
CA GLY A 57 -17.84 25.25 12.74
C GLY A 57 -18.54 23.94 13.00
N VAL A 58 -19.06 23.29 11.95
CA VAL A 58 -19.81 22.05 12.11
C VAL A 58 -18.92 20.89 11.69
N TYR A 59 -18.69 19.96 12.63
CA TYR A 59 -17.84 18.80 12.36
C TYR A 59 -18.46 17.95 11.27
N LYS A 60 -17.65 17.53 10.31
CA LYS A 60 -18.14 16.68 9.22
C LYS A 60 -17.48 15.28 9.24
N ALA A 61 -16.16 15.25 9.12
CA ALA A 61 -15.46 13.98 8.93
C ALA A 61 -13.97 14.20 9.16
N HIS A 62 -13.13 13.18 8.93
CA HIS A 62 -11.69 13.27 9.16
C HIS A 62 -10.96 12.88 7.87
N TYR A 63 -9.74 13.36 7.71
CA TYR A 63 -8.90 12.93 6.60
C TYR A 63 -7.48 12.71 7.04
N ILE A 64 -6.73 12.01 6.21
CA ILE A 64 -5.31 11.86 6.37
C ILE A 64 -4.70 12.98 5.53
N LYS A 65 -3.91 13.85 6.17
CA LYS A 65 -3.36 15.03 5.53
C LYS A 65 -2.01 14.70 4.90
N ALA A 66 -1.91 14.84 3.58
CA ALA A 66 -0.65 14.66 2.89
C ALA A 66 0.14 15.97 2.97
N ILE A 67 0.77 16.18 4.11
CA ILE A 67 1.51 17.38 4.39
C ILE A 67 2.56 17.55 3.31
N ASN A 68 2.64 18.76 2.79
CA ASN A 68 3.50 19.05 1.65
C ASN A 68 3.97 20.51 1.66
N PRO A 69 5.22 20.72 2.11
CA PRO A 69 5.75 22.08 2.27
C PRO A 69 6.02 22.74 0.92
N ASP A 70 6.56 21.99 -0.03
CA ASP A 70 6.89 22.49 -1.37
C ASP A 70 5.66 22.96 -2.18
N GLU A 71 4.63 22.10 -2.26
CA GLU A 71 3.49 22.29 -3.16
C GLU A 71 2.14 22.60 -2.48
N GLY A 72 2.12 22.71 -1.16
CA GLY A 72 0.91 22.88 -0.38
C GLY A 72 0.30 21.54 0.06
N ASP A 73 -0.24 21.50 1.26
CA ASP A 73 -0.83 20.29 1.80
C ASP A 73 -2.00 19.89 0.91
N ASP A 74 -2.11 18.60 0.64
CA ASP A 74 -3.27 18.07 -0.04
C ASP A 74 -3.78 16.78 0.62
N ILE A 75 -4.81 16.16 0.05
CA ILE A 75 -5.49 15.00 0.63
C ILE A 75 -5.61 13.96 -0.48
N ARG A 76 -5.17 12.75 -0.20
CA ARG A 76 -5.00 11.73 -1.22
C ARG A 76 -5.79 10.47 -0.89
N THR A 77 -6.27 9.79 -1.93
CA THR A 77 -7.07 8.58 -1.69
C THR A 77 -6.27 7.45 -1.06
N GLU A 78 -5.04 7.27 -1.50
CA GLU A 78 -4.21 6.23 -0.93
C GLU A 78 -3.95 6.43 0.57
N GLY A 79 -3.62 7.65 0.98
CA GLY A 79 -3.46 7.95 2.39
C GLY A 79 -4.72 7.67 3.20
N GLN A 80 -5.86 8.03 2.62
CA GLN A 80 -7.14 7.89 3.27
C GLN A 80 -7.45 6.41 3.46
N SER A 81 -7.23 5.63 2.40
CA SER A 81 -7.58 4.22 2.37
C SER A 81 -6.64 3.40 3.24
N TRP A 82 -5.37 3.80 3.27
CA TRP A 82 -4.42 3.18 4.19
C TRP A 82 -4.78 3.43 5.63
N GLY A 83 -5.19 4.65 5.93
CA GLY A 83 -5.66 5.01 7.26
C GLY A 83 -6.82 4.17 7.73
N MET A 84 -7.78 3.93 6.84
CA MET A 84 -8.92 3.07 7.15
C MET A 84 -8.45 1.65 7.41
N THR A 85 -7.48 1.20 6.64
CA THR A 85 -6.95 -0.14 6.78
C THR A 85 -6.28 -0.32 8.12
N ALA A 86 -5.50 0.67 8.53
CA ALA A 86 -4.83 0.61 9.81
C ALA A 86 -5.86 0.54 10.93
N ALA A 87 -6.89 1.37 10.82
CA ALA A 87 -7.93 1.44 11.82
C ALA A 87 -8.67 0.11 11.97
N VAL A 88 -9.02 -0.53 10.86
CA VAL A 88 -9.79 -1.78 10.98
C VAL A 88 -8.92 -2.88 11.59
N MET A 89 -7.62 -2.88 11.29
CA MET A 89 -6.75 -3.91 11.85
C MET A 89 -6.60 -3.81 13.39
N LEU A 90 -6.76 -2.61 13.92
CA LEU A 90 -6.65 -2.41 15.35
C LEU A 90 -7.99 -2.18 16.04
N ASN A 91 -9.09 -2.45 15.33
CA ASN A 91 -10.44 -2.34 15.88
C ASN A 91 -10.77 -0.90 16.30
N LYS A 92 -10.39 0.06 15.46
CA LYS A 92 -10.57 1.47 15.75
C LYS A 92 -11.71 2.00 14.87
N GLN A 93 -12.93 1.85 15.36
CA GLN A 93 -14.11 2.04 14.53
C GLN A 93 -14.48 3.50 14.25
N GLU A 94 -14.38 4.36 15.25
CA GLU A 94 -14.68 5.77 15.04
C GLU A 94 -13.72 6.41 14.03
N GLU A 95 -12.45 6.11 14.15
CA GLU A 95 -11.45 6.63 13.20
C GLU A 95 -11.75 6.14 11.79
N PHE A 96 -12.06 4.85 11.67
CA PHE A 96 -12.46 4.26 10.37
C PHE A 96 -13.62 5.02 9.74
N ASP A 97 -14.68 5.17 10.52
CA ASP A 97 -15.94 5.75 10.05
C ASP A 97 -15.77 7.20 9.66
N ASN A 98 -14.99 7.93 10.44
CA ASN A 98 -14.73 9.35 10.14
C ASN A 98 -13.95 9.51 8.83
N LEU A 99 -12.99 8.63 8.59
CA LEU A 99 -12.25 8.61 7.31
C LEU A 99 -13.15 8.17 6.15
N TRP A 100 -13.93 7.11 6.36
CA TRP A 100 -14.81 6.63 5.29
C TRP A 100 -15.90 7.67 4.95
N ARG A 101 -16.47 8.32 5.97
CA ARG A 101 -17.45 9.39 5.74
C ARG A 101 -16.91 10.47 4.82
N PHE A 102 -15.64 10.86 5.04
CA PHE A 102 -14.98 11.88 4.26
C PHE A 102 -14.80 11.43 2.83
N ALA A 103 -14.34 10.19 2.65
CA ALA A 103 -14.08 9.66 1.33
C ALA A 103 -15.35 9.63 0.51
N LYS A 104 -16.41 9.06 1.06
CA LYS A 104 -17.69 8.92 0.37
C LYS A 104 -18.29 10.29 -0.02
N ALA A 105 -18.15 11.28 0.86
CA ALA A 105 -18.70 12.61 0.65
C ALA A 105 -17.88 13.48 -0.30
N TYR A 106 -16.56 13.49 -0.12
CA TYR A 106 -15.71 14.51 -0.73
C TYR A 106 -14.74 13.99 -1.78
N GLN A 107 -14.39 12.71 -1.73
CA GLN A 107 -13.50 12.12 -2.73
C GLN A 107 -14.25 11.45 -3.88
N LYS A 108 -15.38 10.82 -3.59
CA LYS A 108 -16.16 10.14 -4.63
C LYS A 108 -16.69 11.10 -5.70
N ASN A 109 -16.35 10.83 -6.97
CA ASN A 109 -16.97 11.52 -8.08
C ASN A 109 -18.41 11.00 -8.28
N PRO A 110 -19.35 11.89 -8.63
CA PRO A 110 -20.74 11.46 -8.84
C PRO A 110 -20.88 10.33 -9.85
N ASP A 111 -21.83 9.44 -9.62
CA ASP A 111 -22.10 8.36 -10.55
C ASP A 111 -22.63 8.85 -11.91
N ASN A 112 -23.08 10.10 -11.96
CA ASN A 112 -23.59 10.71 -13.18
C ASN A 112 -22.64 11.77 -13.74
N HIS A 113 -21.37 11.70 -13.32
CA HIS A 113 -20.34 12.56 -13.88
C HIS A 113 -20.39 12.49 -15.42
N PRO A 114 -20.32 13.63 -16.10
CA PRO A 114 -20.34 13.65 -17.58
C PRO A 114 -19.28 12.76 -18.26
N ASP A 115 -18.12 12.63 -17.61
CA ASP A 115 -17.09 11.72 -18.08
C ASP A 115 -17.34 10.33 -17.49
N ALA A 116 -17.69 9.37 -18.34
CA ALA A 116 -18.05 8.03 -17.87
C ALA A 116 -16.89 7.34 -17.13
N LYS A 117 -15.67 7.71 -17.47
CA LYS A 117 -14.48 7.13 -16.86
C LYS A 117 -14.24 7.57 -15.39
N LYS A 118 -14.86 8.66 -14.99
CA LYS A 118 -14.76 9.21 -13.65
C LYS A 118 -15.95 8.80 -12.77
N GLN A 119 -16.98 8.18 -13.36
CA GLN A 119 -18.19 7.91 -12.60
C GLN A 119 -17.92 6.94 -11.48
N GLY A 120 -18.17 7.40 -10.25
CA GLY A 120 -17.96 6.58 -9.07
C GLY A 120 -16.53 6.31 -8.62
N VAL A 121 -15.53 6.82 -9.33
CA VAL A 121 -14.14 6.66 -8.90
C VAL A 121 -13.81 7.77 -7.91
N TYR A 122 -12.68 7.62 -7.22
CA TYR A 122 -12.31 8.51 -6.13
C TYR A 122 -11.21 9.47 -6.56
N ALA A 123 -11.57 10.77 -6.63
CA ALA A 123 -10.63 11.85 -6.97
C ALA A 123 -9.36 11.76 -6.13
N TRP A 124 -8.20 11.58 -6.78
CA TRP A 124 -7.00 11.22 -6.04
C TRP A 124 -6.42 12.34 -5.21
N LYS A 125 -6.67 13.58 -5.63
CA LYS A 125 -6.08 14.74 -4.98
C LYS A 125 -7.11 15.83 -4.72
N LEU A 126 -7.30 16.12 -3.44
CA LEU A 126 -8.12 17.21 -2.93
C LEU A 126 -7.25 18.23 -2.20
N LYS A 127 -7.76 19.43 -2.08
CA LYS A 127 -7.18 20.45 -1.21
C LYS A 127 -8.30 21.23 -0.55
N LEU A 128 -7.96 21.95 0.50
CA LEU A 128 -8.84 22.95 1.05
C LEU A 128 -8.57 24.27 0.32
N ASN A 129 -9.62 24.97 -0.10
CA ASN A 129 -9.44 26.23 -0.81
C ASN A 129 -9.07 27.33 0.18
N GLN A 130 -8.93 28.56 -0.29
CA GLN A 130 -8.53 29.69 0.56
C GLN A 130 -9.54 30.04 1.67
N ASN A 131 -10.77 29.57 1.54
CA ASN A 131 -11.77 29.72 2.58
C ASN A 131 -11.92 28.52 3.51
N GLY A 132 -11.10 27.47 3.31
CA GLY A 132 -11.16 26.29 4.16
C GLY A 132 -12.07 25.14 3.68
N PHE A 133 -12.64 25.27 2.49
CA PHE A 133 -13.55 24.23 1.97
C PHE A 133 -12.86 23.32 0.99
N VAL A 134 -13.24 22.04 1.05
CA VAL A 134 -12.62 21.01 0.25
C VAL A 134 -13.07 21.10 -1.22
N TYR A 135 -12.16 20.76 -2.12
CA TYR A 135 -12.45 20.69 -3.54
C TYR A 135 -11.48 19.74 -4.19
N LYS A 136 -11.83 19.28 -5.37
CA LYS A 136 -11.05 18.29 -6.08
C LYS A 136 -10.07 19.02 -7.00
N VAL A 137 -8.79 18.73 -6.80
CA VAL A 137 -7.73 19.28 -7.66
C VAL A 137 -7.65 18.45 -8.94
N ASP A 138 -7.59 17.14 -8.77
CA ASP A 138 -7.64 16.20 -9.90
C ASP A 138 -8.72 15.16 -9.59
N GLU A 139 -9.74 15.11 -10.44
CA GLU A 139 -10.83 14.15 -10.32
C GLU A 139 -10.47 12.73 -10.75
N GLY A 140 -9.38 12.58 -11.50
CA GLY A 140 -8.86 11.27 -11.88
C GLY A 140 -8.53 10.41 -10.66
N PRO A 141 -8.64 9.10 -10.79
CA PRO A 141 -8.29 8.18 -9.70
C PRO A 141 -6.82 7.76 -9.66
N ALA A 142 -6.40 7.35 -8.47
CA ALA A 142 -5.15 6.64 -8.26
C ALA A 142 -5.59 5.26 -7.72
N PRO A 143 -5.75 4.30 -8.62
CA PRO A 143 -6.47 3.06 -8.28
C PRO A 143 -6.01 2.24 -7.08
N ALA A 144 -4.78 2.40 -6.59
CA ALA A 144 -4.41 1.72 -5.36
C ALA A 144 -5.29 2.18 -4.18
N GLY A 145 -5.78 3.42 -4.27
CA GLY A 145 -6.73 3.95 -3.30
C GLY A 145 -8.00 3.12 -3.24
N GLU A 146 -8.69 2.99 -4.37
CA GLU A 146 -9.90 2.17 -4.45
C GLU A 146 -9.64 0.72 -3.98
N GLU A 147 -8.49 0.16 -4.34
CA GLU A 147 -8.15 -1.22 -3.92
C GLU A 147 -8.14 -1.33 -2.39
N TYR A 148 -7.44 -0.41 -1.74
CA TYR A 148 -7.44 -0.38 -0.28
C TYR A 148 -8.78 -0.03 0.33
N PHE A 149 -9.56 0.86 -0.29
CA PHE A 149 -10.89 1.17 0.20
C PHE A 149 -11.74 -0.12 0.24
N ALA A 150 -11.75 -0.88 -0.85
CA ALA A 150 -12.54 -2.12 -0.93
C ALA A 150 -12.08 -3.09 0.12
N PHE A 151 -10.78 -3.23 0.25
CA PHE A 151 -10.19 -4.14 1.24
C PHE A 151 -10.60 -3.75 2.68
N ALA A 152 -10.45 -2.47 3.01
CA ALA A 152 -10.79 -1.99 4.34
C ALA A 152 -12.28 -2.16 4.67
N LEU A 153 -13.15 -1.87 3.71
CA LEU A 153 -14.59 -1.97 3.91
C LEU A 153 -15.06 -3.42 4.10
N LEU A 154 -14.51 -4.36 3.32
CA LEU A 154 -14.84 -5.77 3.50
C LEU A 154 -14.45 -6.22 4.91
N ASN A 155 -13.27 -5.80 5.37
CA ASN A 155 -12.83 -6.16 6.71
C ASN A 155 -13.70 -5.52 7.80
N ALA A 156 -14.13 -4.29 7.59
CA ALA A 156 -15.00 -3.59 8.53
C ALA A 156 -16.35 -4.28 8.65
N SER A 157 -16.92 -4.66 7.51
CA SER A 157 -18.15 -5.45 7.49
C SER A 157 -17.99 -6.69 8.36
N ALA A 158 -16.87 -7.39 8.18
CA ALA A 158 -16.65 -8.68 8.81
C ALA A 158 -16.50 -8.54 10.33
N ARG A 159 -15.77 -7.50 10.76
CA ARG A 159 -15.51 -7.27 12.19
C ARG A 159 -16.69 -6.65 12.94
N TRP A 160 -17.39 -5.71 12.30
CA TRP A 160 -18.31 -4.82 12.98
C TRP A 160 -19.77 -4.99 12.56
N GLY A 161 -20.01 -5.67 11.46
CA GLY A 161 -21.35 -5.77 10.89
C GLY A 161 -21.80 -4.48 10.24
N ASN A 162 -23.03 -4.47 9.74
CA ASN A 162 -23.51 -3.48 8.78
C ASN A 162 -24.79 -2.75 9.18
N SER A 163 -25.05 -2.69 10.49
CA SER A 163 -26.27 -2.10 11.03
CA SER A 163 -26.28 -2.08 11.03
C SER A 163 -26.08 -0.69 11.61
N GLY A 164 -24.84 -0.20 11.60
CA GLY A 164 -24.56 1.14 12.10
C GLY A 164 -24.66 2.23 11.03
N GLU A 165 -23.81 3.25 11.15
CA GLU A 165 -23.82 4.36 10.20
C GLU A 165 -23.67 3.84 8.76
N PHE A 166 -22.78 2.88 8.57
CA PHE A 166 -22.48 2.37 7.24
C PHE A 166 -22.86 0.93 7.07
N ASN A 167 -23.44 0.63 5.91
CA ASN A 167 -23.42 -0.74 5.41
C ASN A 167 -22.07 -0.93 4.73
N TYR A 168 -21.05 -1.29 5.50
CA TYR A 168 -19.70 -1.48 4.96
C TYR A 168 -19.66 -2.46 3.79
N TYR A 169 -20.43 -3.53 3.89
CA TYR A 169 -20.41 -4.59 2.90
C TYR A 169 -20.93 -4.07 1.56
N ASN A 170 -22.08 -3.42 1.57
CA ASN A 170 -22.62 -2.83 0.34
C ASN A 170 -21.68 -1.77 -0.26
N ASP A 171 -21.07 -0.97 0.60
CA ASP A 171 -20.07 0.00 0.13
C ASP A 171 -18.87 -0.69 -0.50
N ALA A 172 -18.41 -1.80 0.07
CA ALA A 172 -17.30 -2.57 -0.48
C ALA A 172 -17.62 -3.17 -1.83
N ILE A 173 -18.83 -3.73 -1.97
CA ILE A 173 -19.25 -4.32 -3.23
C ILE A 173 -19.34 -3.25 -4.32
N THR A 174 -19.87 -2.08 -4.00
CA THR A 174 -19.90 -0.97 -4.93
C THR A 174 -18.48 -0.56 -5.37
N MET A 175 -17.55 -0.53 -4.41
CA MET A 175 -16.15 -0.23 -4.67
C MET A 175 -15.50 -1.27 -5.59
N LEU A 176 -15.72 -2.55 -5.31
CA LEU A 176 -15.23 -3.62 -6.18
C LEU A 176 -15.77 -3.46 -7.61
N ASN A 177 -17.06 -3.17 -7.75
CA ASN A 177 -17.64 -3.01 -9.10
C ASN A 177 -17.03 -1.82 -9.83
N THR A 178 -16.76 -0.75 -9.09
CA THR A 178 -16.06 0.41 -9.66
C THR A 178 -14.67 0.04 -10.13
N ILE A 179 -13.93 -0.75 -9.36
CA ILE A 179 -12.60 -1.17 -9.79
C ILE A 179 -12.68 -1.97 -11.10
N LYS A 180 -13.58 -2.97 -11.09
CA LYS A 180 -13.75 -3.85 -12.22
C LYS A 180 -14.15 -3.05 -13.47
N ASN A 181 -15.11 -2.13 -13.33
CA ASN A 181 -15.68 -1.44 -14.47
C ASN A 181 -14.89 -0.23 -14.93
N LYS A 182 -14.11 0.40 -14.05
CA LYS A 182 -13.45 1.67 -14.35
C LYS A 182 -11.91 1.64 -14.28
N LEU A 183 -11.36 0.73 -13.51
CA LEU A 183 -9.94 0.80 -13.14
C LEU A 183 -9.13 -0.44 -13.53
N MET A 184 -9.64 -1.26 -14.45
CA MET A 184 -8.95 -2.46 -14.89
C MET A 184 -8.84 -2.48 -16.42
N GLU A 185 -7.78 -3.13 -16.91
CA GLU A 185 -7.66 -3.49 -18.33
C GLU A 185 -7.18 -4.93 -18.40
N ASN A 186 -7.97 -5.77 -19.06
CA ASN A 186 -7.62 -7.19 -19.19
C ASN A 186 -7.34 -7.78 -17.83
N GLN A 187 -8.12 -7.37 -16.82
CA GLN A 187 -7.98 -7.86 -15.44
C GLN A 187 -6.65 -7.54 -14.74
N ILE A 188 -5.99 -6.49 -15.21
CA ILE A 188 -4.78 -5.92 -14.59
C ILE A 188 -5.10 -4.48 -14.17
N ILE A 189 -4.77 -4.15 -12.92
CA ILE A 189 -5.10 -2.85 -12.37
C ILE A 189 -4.45 -1.76 -13.21
N ARG A 190 -5.23 -0.72 -13.53
CA ARG A 190 -4.73 0.40 -14.32
C ARG A 190 -3.92 1.40 -13.49
N PHE A 191 -2.93 2.01 -14.13
CA PHE A 191 -2.38 3.26 -13.66
C PHE A 191 -3.43 4.39 -13.85
N SER A 192 -4.11 4.40 -14.99
CA SER A 192 -5.14 5.41 -15.24
C SER A 192 -6.19 4.94 -16.25
N PRO A 193 -7.44 5.32 -16.07
CA PRO A 193 -8.47 5.08 -17.09
C PRO A 193 -8.13 5.65 -18.47
N TYR A 194 -7.28 6.68 -18.52
CA TYR A 194 -6.97 7.41 -19.75
C TYR A 194 -5.73 6.91 -20.51
N ILE A 195 -5.12 5.82 -20.04
CA ILE A 195 -3.94 5.26 -20.72
C ILE A 195 -4.06 3.76 -20.72
N ASP A 196 -3.83 3.15 -21.89
CA ASP A 196 -3.92 1.72 -22.02
C ASP A 196 -2.56 1.08 -21.96
N ASN A 197 -2.55 -0.24 -21.79
CA ASN A 197 -1.33 -1.04 -21.65
C ASN A 197 -0.37 -0.45 -20.64
N LEU A 198 -0.91 -0.04 -19.49
CA LEU A 198 -0.10 0.53 -18.46
C LEU A 198 -0.54 0.12 -17.06
N THR A 199 0.41 -0.39 -16.30
CA THR A 199 0.19 -0.67 -14.90
C THR A 199 1.35 -0.15 -14.06
N ASP A 200 1.18 -0.24 -12.75
CA ASP A 200 2.15 0.27 -11.79
C ASP A 200 2.36 -0.90 -10.85
N PRO A 201 3.53 -1.54 -10.91
CA PRO A 201 3.78 -2.75 -10.10
C PRO A 201 3.39 -2.61 -8.63
N SER A 202 3.59 -1.44 -8.05
CA SER A 202 3.23 -1.19 -6.64
C SER A 202 1.73 -1.25 -6.32
N TYR A 203 0.88 -1.25 -7.35
CA TYR A 203 -0.56 -1.35 -7.15
C TYR A 203 -1.01 -2.80 -7.03
N HIS A 204 -0.11 -3.74 -7.28
CA HIS A 204 -0.44 -5.15 -7.33
C HIS A 204 -0.32 -5.79 -5.96
N ILE A 205 -1.44 -6.27 -5.43
CA ILE A 205 -1.45 -6.98 -4.15
C ILE A 205 -2.29 -8.22 -4.35
N PRO A 206 -1.68 -9.26 -4.90
CA PRO A 206 -2.44 -10.45 -5.31
C PRO A 206 -3.37 -11.02 -4.23
N ALA A 207 -2.91 -11.07 -2.97
CA ALA A 207 -3.71 -11.62 -1.89
C ALA A 207 -5.00 -10.86 -1.66
N PHE A 208 -5.02 -9.54 -1.91
CA PHE A 208 -6.26 -8.79 -1.78
C PHE A 208 -7.29 -9.33 -2.76
N TYR A 209 -6.89 -9.66 -3.99
CA TYR A 209 -7.87 -10.13 -4.97
C TYR A 209 -8.45 -11.51 -4.58
N ASP A 210 -7.63 -12.37 -3.98
CA ASP A 210 -8.11 -13.65 -3.45
C ASP A 210 -9.14 -13.43 -2.36
N TYR A 211 -8.83 -12.47 -1.49
CA TYR A 211 -9.73 -12.05 -0.41
C TYR A 211 -11.05 -11.52 -0.99
N PHE A 212 -10.99 -10.69 -2.03
CA PHE A 212 -12.19 -10.21 -2.70
C PHE A 212 -13.02 -11.39 -3.27
N ALA A 213 -12.35 -12.34 -3.90
CA ALA A 213 -13.03 -13.54 -4.44
C ALA A 213 -13.84 -14.27 -3.38
N ASN A 214 -13.28 -14.40 -2.18
CA ASN A 214 -13.96 -15.10 -1.11
C ASN A 214 -15.07 -14.29 -0.44
N ASN A 215 -15.18 -13.00 -0.76
CA ASN A 215 -16.15 -12.13 -0.11
C ASN A 215 -17.23 -11.56 -1.00
N VAL A 216 -17.30 -12.04 -2.25
CA VAL A 216 -18.40 -11.71 -3.14
C VAL A 216 -19.33 -12.94 -3.20
N THR A 217 -20.58 -12.74 -3.60
N THR A 217 -20.58 -12.75 -3.65
CA THR A 217 -21.57 -13.82 -3.58
CA THR A 217 -21.62 -13.80 -3.56
C THR A 217 -21.58 -14.59 -4.88
C THR A 217 -22.30 -14.14 -4.90
N ASN A 218 -21.62 -13.87 -6.00
CA ASN A 218 -21.97 -14.52 -7.23
C ASN A 218 -20.77 -15.20 -7.86
N GLN A 219 -21.07 -16.26 -8.60
CA GLN A 219 -20.04 -17.16 -9.08
C GLN A 219 -19.14 -16.44 -10.08
N ALA A 220 -19.74 -15.66 -10.98
CA ALA A 220 -18.97 -14.96 -12.00
C ALA A 220 -17.94 -14.00 -11.39
N ASP A 221 -18.34 -13.28 -10.35
CA ASP A 221 -17.44 -12.35 -9.67
C ASP A 221 -16.37 -13.06 -8.87
N LYS A 222 -16.70 -14.20 -8.25
CA LYS A 222 -15.70 -14.98 -7.54
C LYS A 222 -14.58 -15.38 -8.51
N ASN A 223 -14.99 -15.85 -9.69
CA ASN A 223 -14.05 -16.30 -10.71
C ASN A 223 -13.27 -15.11 -11.27
N TYR A 224 -13.93 -13.98 -11.42
CA TYR A 224 -13.30 -12.77 -11.92
C TYR A 224 -12.09 -12.39 -11.02
N TRP A 225 -12.31 -12.33 -9.72
CA TRP A 225 -11.28 -11.90 -8.78
C TRP A 225 -10.17 -12.91 -8.60
N ARG A 226 -10.49 -14.20 -8.67
CA ARG A 226 -9.45 -15.25 -8.69
C ARG A 226 -8.52 -15.12 -9.91
N GLN A 227 -9.11 -14.79 -11.07
CA GLN A 227 -8.33 -14.56 -12.29
C GLN A 227 -7.44 -13.32 -12.14
N VAL A 228 -7.97 -12.25 -11.52
CA VAL A 228 -7.18 -11.04 -11.27
C VAL A 228 -5.96 -11.40 -10.40
N ALA A 229 -6.18 -12.26 -9.39
CA ALA A 229 -5.11 -12.69 -8.50
C ALA A 229 -4.04 -13.44 -9.25
N THR A 230 -4.44 -14.39 -10.10
CA THR A 230 -3.49 -15.16 -10.88
C THR A 230 -2.71 -14.27 -11.84
N LYS A 231 -3.41 -13.38 -12.51
CA LYS A 231 -2.81 -12.46 -13.45
C LYS A 231 -1.87 -11.46 -12.78
N SER A 232 -2.14 -11.14 -11.52
CA SER A 232 -1.33 -10.19 -10.78
C SER A 232 -0.01 -10.85 -10.38
N ARG A 233 -0.08 -12.09 -9.92
CA ARG A 233 1.13 -12.84 -9.59
C ARG A 233 1.98 -13.02 -10.84
N THR A 234 1.33 -13.28 -11.97
CA THR A 234 2.06 -13.44 -13.24
C THR A 234 2.72 -12.14 -13.66
N LEU A 235 2.02 -11.02 -13.52
CA LEU A 235 2.59 -9.72 -13.84
C LEU A 235 3.81 -9.45 -12.95
N LEU A 236 3.69 -9.69 -11.67
CA LEU A 236 4.81 -9.44 -10.77
C LEU A 236 5.98 -10.42 -11.06
N LYS A 237 5.67 -11.69 -11.32
CA LYS A 237 6.73 -12.67 -11.66
C LYS A 237 7.48 -12.23 -12.89
N ASN A 238 6.74 -11.85 -13.93
CA ASN A 238 7.31 -11.39 -15.18
C ASN A 238 8.16 -10.13 -14.99
N HIS A 239 7.66 -9.18 -14.20
CA HIS A 239 8.37 -7.96 -13.90
C HIS A 239 9.70 -8.25 -13.19
N PHE A 240 9.68 -9.13 -12.20
CA PHE A 240 10.91 -9.47 -11.48
C PHE A 240 11.90 -10.22 -12.35
N THR A 241 11.42 -11.04 -13.27
CA THR A 241 12.28 -11.68 -14.26
C THR A 241 12.94 -10.60 -15.12
N LYS A 242 12.17 -9.60 -15.53
CA LYS A 242 12.68 -8.58 -16.44
C LYS A 242 13.66 -7.60 -15.79
N VAL A 243 13.52 -7.36 -14.48
CA VAL A 243 14.45 -6.48 -13.77
C VAL A 243 15.64 -7.21 -13.16
N SER A 244 15.69 -8.54 -13.33
CA SER A 244 16.81 -9.35 -12.82
CA SER A 244 16.80 -9.37 -12.83
C SER A 244 18.09 -9.05 -13.59
N GLY A 245 19.19 -8.88 -12.87
CA GLY A 245 20.47 -8.60 -13.48
C GLY A 245 20.46 -7.35 -14.33
N SER A 246 21.37 -7.28 -15.29
CA SER A 246 21.50 -6.10 -16.12
C SER A 246 20.28 -6.01 -17.05
N PRO A 247 19.76 -4.83 -17.36
CA PRO A 247 20.24 -3.52 -16.87
C PRO A 247 19.52 -2.93 -15.63
N HIS A 248 18.48 -3.55 -15.09
CA HIS A 248 17.70 -2.94 -14.00
C HIS A 248 18.22 -3.30 -12.62
N TRP A 249 19.03 -4.35 -12.57
CA TRP A 249 19.77 -4.73 -11.36
C TRP A 249 18.87 -4.96 -10.13
N ASN A 250 17.80 -5.70 -10.35
CA ASN A 250 17.04 -6.39 -9.33
C ASN A 250 16.07 -5.54 -8.50
N LEU A 251 15.83 -4.30 -8.93
CA LEU A 251 14.82 -3.47 -8.28
C LEU A 251 13.67 -3.29 -9.25
N PRO A 252 12.44 -3.42 -8.75
CA PRO A 252 11.25 -3.20 -9.58
C PRO A 252 11.08 -1.69 -9.88
N THR A 253 10.22 -1.35 -10.83
CA THR A 253 10.11 0.02 -11.29
C THR A 253 8.74 0.63 -11.09
N PHE A 254 8.70 1.94 -11.25
CA PHE A 254 7.49 2.78 -11.15
C PHE A 254 6.38 2.29 -12.07
N LEU A 255 6.68 2.15 -13.35
CA LEU A 255 5.68 1.73 -14.34
C LEU A 255 6.10 0.50 -15.14
N SER A 256 5.11 -0.23 -15.59
CA SER A 256 5.30 -1.45 -16.35
C SER A 256 4.21 -1.60 -17.41
N ARG A 257 4.52 -2.24 -18.52
CA ARG A 257 3.50 -2.67 -19.47
C ARG A 257 2.83 -3.91 -18.90
N LEU A 258 1.77 -4.37 -19.55
CA LEU A 258 1.00 -5.50 -19.03
C LEU A 258 1.72 -6.85 -19.09
N ASP A 259 2.82 -6.92 -19.81
CA ASP A 259 3.66 -8.11 -19.83
C ASP A 259 4.82 -8.04 -18.80
N GLY A 260 4.87 -6.97 -18.02
CA GLY A 260 5.84 -6.84 -16.95
C GLY A 260 7.05 -6.02 -17.34
N SER A 261 7.15 -5.65 -18.62
CA SER A 261 8.28 -4.86 -19.12
C SER A 261 8.29 -3.51 -18.45
N PRO A 262 9.37 -3.12 -17.78
CA PRO A 262 9.48 -1.74 -17.31
C PRO A 262 9.26 -0.74 -18.44
N VAL A 263 8.52 0.31 -18.13
CA VAL A 263 8.35 1.44 -19.04
C VAL A 263 9.66 2.25 -19.03
N ILE A 264 10.21 2.51 -20.21
CA ILE A 264 11.45 3.27 -20.31
C ILE A 264 11.20 4.76 -20.59
N GLY A 265 11.71 5.62 -19.72
CA GLY A 265 11.58 7.06 -19.84
C GLY A 265 10.15 7.55 -19.66
N TYR A 266 9.83 8.64 -20.35
CA TYR A 266 8.51 9.25 -20.33
C TYR A 266 7.63 8.72 -21.44
N ILE A 267 6.34 8.54 -21.14
CA ILE A 267 5.32 8.11 -22.08
C ILE A 267 4.01 8.90 -22.10
N PHE A 268 3.78 9.78 -21.13
CA PHE A 268 2.57 10.61 -21.12
C PHE A 268 2.77 11.94 -20.43
N ASN A 269 2.04 12.95 -20.91
CA ASN A 269 2.08 14.28 -20.33
C ASN A 269 1.50 14.27 -18.90
N GLY A 270 2.26 14.81 -17.95
CA GLY A 270 1.89 14.78 -16.54
C GLY A 270 2.70 13.75 -15.75
N GLN A 271 3.46 12.90 -16.41
CA GLN A 271 4.16 11.81 -15.75
C GLN A 271 5.22 12.33 -14.78
N ALA A 272 5.19 11.82 -13.55
CA ALA A 272 6.00 12.39 -12.46
C ALA A 272 7.48 12.11 -12.60
N ASN A 273 7.81 10.90 -13.03
CA ASN A 273 9.20 10.45 -13.10
C ASN A 273 9.33 9.45 -14.23
N PRO A 274 10.56 9.17 -14.69
CA PRO A 274 10.76 8.14 -15.72
C PRO A 274 10.22 6.80 -15.26
N GLY A 275 9.63 6.04 -16.18
CA GLY A 275 9.01 4.77 -15.88
C GLY A 275 9.89 3.71 -15.22
N GLN A 276 11.19 3.72 -15.54
CA GLN A 276 12.10 2.66 -15.10
C GLN A 276 12.78 2.94 -13.78
N TRP A 277 12.47 4.10 -13.19
CA TRP A 277 12.99 4.43 -11.87
C TRP A 277 12.40 3.52 -10.81
N TYR A 278 13.27 3.00 -9.95
CA TYR A 278 12.89 2.57 -8.63
C TYR A 278 12.80 3.83 -7.79
N GLU A 279 11.57 4.21 -7.45
CA GLU A 279 11.29 5.45 -6.78
C GLU A 279 10.20 5.22 -5.72
N PHE A 280 9.47 6.28 -5.37
CA PHE A 280 8.53 6.26 -4.25
C PHE A 280 7.39 5.22 -4.37
N ASP A 281 6.80 5.10 -5.55
CA ASP A 281 5.83 4.02 -5.79
C ASP A 281 6.52 2.64 -5.64
N ALA A 282 7.66 2.48 -6.31
CA ALA A 282 8.32 1.17 -6.43
C ALA A 282 8.81 0.60 -5.12
N TRP A 283 9.07 1.47 -4.15
CA TRP A 283 9.44 1.02 -2.80
C TRP A 283 8.49 -0.05 -2.28
N ARG A 284 7.21 0.09 -2.64
CA ARG A 284 6.18 -0.75 -2.05
C ARG A 284 6.07 -2.11 -2.70
N VAL A 285 6.69 -2.31 -3.86
CA VAL A 285 6.55 -3.59 -4.54
C VAL A 285 6.98 -4.79 -3.67
N ILE A 286 8.20 -4.77 -3.12
CA ILE A 286 8.62 -5.93 -2.34
C ILE A 286 7.87 -6.04 -1.00
N MET A 287 7.37 -4.90 -0.51
CA MET A 287 6.48 -4.92 0.64
CA MET A 287 6.46 -4.87 0.63
C MET A 287 5.23 -5.73 0.31
N ASN A 288 4.67 -5.50 -0.87
CA ASN A 288 3.50 -6.25 -1.34
C ASN A 288 3.81 -7.72 -1.57
N VAL A 289 5.03 -8.01 -2.00
CA VAL A 289 5.47 -9.40 -2.22
C VAL A 289 5.54 -10.10 -0.86
N GLY A 290 6.13 -9.43 0.14
CA GLY A 290 6.11 -9.94 1.51
C GLY A 290 4.71 -10.20 2.05
N LEU A 291 3.80 -9.26 1.81
CA LEU A 291 2.42 -9.37 2.23
C LEU A 291 1.83 -10.62 1.59
N ASP A 292 2.02 -10.76 0.28
CA ASP A 292 1.44 -11.88 -0.44
C ASP A 292 2.00 -13.20 0.04
N ALA A 293 3.31 -13.24 0.25
CA ALA A 293 3.97 -14.45 0.75
C ALA A 293 3.39 -14.87 2.11
N HIS A 294 3.27 -13.91 3.00
CA HIS A 294 2.71 -14.14 4.35
C HIS A 294 1.27 -14.61 4.27
N LEU A 295 0.41 -13.87 3.58
CA LEU A 295 -1.01 -14.19 3.55
C LEU A 295 -1.40 -15.37 2.67
N MET A 296 -0.74 -15.57 1.52
CA MET A 296 -1.16 -16.60 0.57
CA MET A 296 -1.12 -16.58 0.55
C MET A 296 -0.08 -17.67 0.32
N GLY A 297 1.08 -17.53 0.96
CA GLY A 297 2.15 -18.51 0.84
C GLY A 297 3.34 -18.05 -0.01
N ALA A 298 4.54 -18.42 0.44
CA ALA A 298 5.78 -18.06 -0.21
C ALA A 298 6.14 -19.10 -1.26
N GLN A 299 6.23 -18.66 -2.51
CA GLN A 299 6.66 -19.49 -3.62
C GLN A 299 8.07 -19.10 -4.01
N ALA A 300 8.66 -19.82 -4.96
CA ALA A 300 10.03 -19.54 -5.37
C ALA A 300 10.18 -18.08 -5.83
N TRP A 301 9.21 -17.57 -6.58
CA TRP A 301 9.34 -16.21 -7.12
C TRP A 301 9.34 -15.11 -6.05
N HIS A 302 8.52 -15.30 -5.01
CA HIS A 302 8.51 -14.29 -3.92
C HIS A 302 9.90 -14.17 -3.29
N LYS A 303 10.51 -15.33 -3.03
CA LYS A 303 11.79 -15.42 -2.38
C LYS A 303 12.86 -14.78 -3.23
N SER A 304 12.89 -15.15 -4.50
CA SER A 304 13.87 -14.61 -5.43
C SER A 304 13.74 -13.09 -5.55
N ALA A 305 12.51 -12.61 -5.68
CA ALA A 305 12.27 -11.18 -5.83
C ALA A 305 12.83 -10.40 -4.66
N VAL A 306 12.49 -10.79 -3.45
CA VAL A 306 12.93 -10.02 -2.29
CA VAL A 306 12.93 -10.05 -2.26
C VAL A 306 14.42 -10.23 -2.01
N ASN A 307 14.90 -11.47 -2.10
CA ASN A 307 16.31 -11.76 -1.82
C ASN A 307 17.23 -10.94 -2.72
N LYS A 308 16.89 -10.86 -4.00
CA LYS A 308 17.69 -10.12 -4.94
C LYS A 308 17.55 -8.62 -4.78
N ALA A 309 16.34 -8.14 -4.49
CA ALA A 309 16.16 -6.68 -4.35
C ALA A 309 16.85 -6.16 -3.07
N LEU A 310 16.60 -6.81 -1.94
CA LEU A 310 17.26 -6.44 -0.69
C LEU A 310 18.78 -6.59 -0.83
N GLY A 311 19.19 -7.60 -1.60
CA GLY A 311 20.58 -7.84 -1.91
C GLY A 311 21.21 -6.68 -2.64
N PHE A 312 20.50 -6.12 -3.62
CA PHE A 312 21.01 -4.94 -4.31
C PHE A 312 21.13 -3.75 -3.35
N LEU A 313 20.11 -3.52 -2.53
CA LEU A 313 20.12 -2.37 -1.60
C LEU A 313 21.27 -2.50 -0.57
N SER A 314 21.54 -3.72 -0.08
CA SER A 314 22.66 -3.96 0.82
CA SER A 314 22.67 -3.96 0.81
C SER A 314 23.98 -3.62 0.12
N TYR A 315 24.13 -4.09 -1.11
CA TYR A 315 25.31 -3.81 -1.93
C TYR A 315 25.48 -2.30 -2.16
N ALA A 316 24.37 -1.63 -2.48
CA ALA A 316 24.38 -0.22 -2.84
C ALA A 316 24.89 0.62 -1.67
N LYS A 317 24.53 0.20 -0.46
CA LYS A 317 24.97 0.84 0.77
C LYS A 317 26.50 0.80 0.93
N THR A 318 27.12 -0.33 0.56
CA THR A 318 28.58 -0.45 0.65
C THR A 318 29.29 0.44 -0.35
N ASN A 319 28.61 0.86 -1.40
CA ASN A 319 29.21 1.76 -2.37
C ASN A 319 28.67 3.17 -2.28
N ASN A 320 28.31 3.54 -1.07
CA ASN A 320 27.77 4.83 -0.83
C ASN A 320 28.58 5.51 0.25
N SER A 321 29.03 6.72 -0.08
CA SER A 321 29.86 7.54 0.81
C SER A 321 29.24 7.88 2.15
N LYS A 322 27.90 7.78 2.23
CA LYS A 322 27.16 8.13 3.44
C LYS A 322 26.67 6.87 4.16
N ASN A 323 27.08 5.69 3.67
CA ASN A 323 26.66 4.39 4.18
C ASN A 323 25.14 4.15 4.24
N CYS A 324 24.44 4.55 3.18
CA CYS A 324 23.02 4.28 3.07
C CYS A 324 22.72 3.82 1.67
N TYR A 325 21.63 3.07 1.51
CA TYR A 325 21.01 2.96 0.19
C TYR A 325 20.09 4.17 0.02
N GLU A 326 19.85 4.55 -1.23
CA GLU A 326 19.17 5.77 -1.55
C GLU A 326 17.68 5.54 -1.90
N GLN A 327 16.96 6.64 -2.10
CA GLN A 327 15.52 6.59 -2.35
CA GLN A 327 15.51 6.63 -2.36
C GLN A 327 15.17 6.28 -3.80
N VAL A 328 16.06 6.62 -4.72
CA VAL A 328 15.80 6.46 -6.14
C VAL A 328 17.00 5.84 -6.89
N TYR A 329 16.73 4.77 -7.62
CA TYR A 329 17.72 4.14 -8.49
C TYR A 329 17.14 4.06 -9.89
N SER A 330 18.01 4.18 -10.89
CA SER A 330 17.66 3.93 -12.29
C SER A 330 18.76 3.10 -12.94
N TYR A 331 18.38 1.95 -13.49
CA TYR A 331 19.31 1.02 -14.10
C TYR A 331 20.48 0.65 -13.15
N GLY A 332 20.17 0.51 -11.86
CA GLY A 332 21.18 0.26 -10.83
C GLY A 332 22.02 1.43 -10.34
N GLY A 333 21.78 2.62 -10.87
CA GLY A 333 22.55 3.79 -10.51
C GLY A 333 21.78 4.77 -9.64
N ALA A 334 22.43 5.24 -8.58
CA ALA A 334 21.86 6.17 -7.62
C ALA A 334 21.58 7.51 -8.30
N GLN A 335 20.42 8.09 -8.01
CA GLN A 335 20.03 9.32 -8.65
C GLN A 335 20.18 10.50 -7.70
N ASN A 336 20.92 10.30 -6.62
CA ASN A 336 21.19 11.35 -5.62
C ASN A 336 19.93 12.02 -5.06
N ARG A 337 18.93 11.22 -4.70
CA ARG A 337 17.70 11.74 -4.13
CA ARG A 337 17.70 11.73 -4.13
C ARG A 337 17.63 11.48 -2.63
N GLY A 338 18.79 11.24 -2.01
CA GLY A 338 18.88 11.12 -0.57
C GLY A 338 18.88 9.70 -0.06
N CYS A 339 19.43 9.53 1.14
CA CYS A 339 19.37 8.27 1.85
C CYS A 339 17.93 7.88 2.14
N ALA A 340 17.68 6.57 2.19
CA ALA A 340 16.38 6.02 2.54
C ALA A 340 15.85 6.61 3.83
N GLY A 341 14.57 6.98 3.79
CA GLY A 341 13.81 7.41 4.96
C GLY A 341 13.04 6.28 5.59
N GLU A 342 12.15 6.63 6.49
CA GLU A 342 11.45 5.64 7.31
C GLU A 342 10.48 4.80 6.48
N GLY A 343 9.84 5.39 5.49
CA GLY A 343 8.83 4.68 4.71
C GLY A 343 9.46 3.59 3.87
N GLN A 344 10.59 3.89 3.28
CA GLN A 344 11.32 2.93 2.46
C GLN A 344 11.85 1.79 3.33
N LYS A 345 12.38 2.13 4.51
CA LYS A 345 12.87 1.12 5.44
C LYS A 345 11.73 0.26 5.94
N ALA A 346 10.58 0.88 6.18
CA ALA A 346 9.37 0.17 6.55
C ALA A 346 8.96 -0.85 5.49
N ALA A 347 8.93 -0.41 4.22
CA ALA A 347 8.58 -1.29 3.11
C ALA A 347 9.50 -2.51 3.04
N ASN A 348 10.79 -2.25 3.27
CA ASN A 348 11.79 -3.31 3.17
C ASN A 348 11.73 -4.28 4.34
N ALA A 349 11.25 -3.82 5.50
CA ALA A 349 11.07 -4.70 6.65
C ALA A 349 9.96 -5.73 6.38
N VAL A 350 8.86 -5.27 5.76
CA VAL A 350 7.75 -6.14 5.44
C VAL A 350 8.14 -7.17 4.37
N ALA A 351 8.99 -6.78 3.43
CA ALA A 351 9.52 -7.69 2.40
C ALA A 351 10.18 -8.94 3.01
N LEU A 352 10.71 -8.80 4.21
CA LEU A 352 11.36 -9.94 4.91
C LEU A 352 10.46 -11.15 5.14
N LEU A 353 9.13 -10.96 5.11
CA LEU A 353 8.20 -12.08 5.17
C LEU A 353 8.31 -13.06 4.00
N ALA A 354 9.05 -12.68 2.96
CA ALA A 354 9.37 -13.56 1.84
C ALA A 354 10.88 -13.86 1.74
N SER A 355 11.70 -13.28 2.61
CA SER A 355 13.15 -13.49 2.59
C SER A 355 13.56 -14.82 3.24
N THR A 356 14.60 -15.44 2.67
CA THR A 356 15.18 -16.67 3.23
C THR A 356 16.59 -16.42 3.76
N ASN A 357 16.93 -15.16 3.98
CA ASN A 357 18.25 -14.79 4.42
C ASN A 357 18.25 -14.10 5.77
N ALA A 358 18.69 -14.82 6.80
CA ALA A 358 18.73 -14.32 8.17
C ALA A 358 19.58 -13.07 8.32
N GLY A 359 20.67 -12.98 7.56
CA GLY A 359 21.50 -11.78 7.49
C GLY A 359 20.78 -10.54 6.96
N GLN A 360 19.95 -10.72 5.95
CA GLN A 360 19.11 -9.63 5.42
C GLN A 360 18.06 -9.24 6.49
N ALA A 361 17.49 -10.25 7.13
CA ALA A 361 16.48 -10.01 8.14
C ALA A 361 17.08 -9.20 9.26
N ASN A 362 18.27 -9.59 9.72
CA ASN A 362 18.91 -8.89 10.84
C ASN A 362 19.12 -7.42 10.51
N GLU A 363 19.76 -7.17 9.36
CA GLU A 363 20.07 -5.83 8.87
C GLU A 363 18.82 -4.97 8.64
N PHE A 364 17.93 -5.45 7.76
CA PHE A 364 16.77 -4.64 7.37
C PHE A 364 15.75 -4.50 8.50
N PHE A 365 15.54 -5.55 9.29
CA PHE A 365 14.57 -5.43 10.38
C PHE A 365 15.03 -4.47 11.48
N ASN A 366 16.28 -4.61 11.93
CA ASN A 366 16.81 -3.72 12.95
C ASN A 366 16.90 -2.26 12.52
N GLU A 367 17.16 -1.99 11.24
CA GLU A 367 17.17 -0.61 10.76
C GLU A 367 15.75 0.02 10.80
N PHE A 368 14.72 -0.81 10.67
CA PHE A 368 13.34 -0.35 10.80
C PHE A 368 12.91 -0.23 12.27
N TRP A 369 13.22 -1.25 13.06
CA TRP A 369 12.82 -1.29 14.47
C TRP A 369 13.46 -0.19 15.33
N SER A 370 14.63 0.28 14.91
CA SER A 370 15.35 1.31 15.67
C SER A 370 14.83 2.71 15.40
N LEU A 371 14.03 2.90 14.33
CA LEU A 371 13.53 4.22 13.97
C LEU A 371 12.56 4.77 14.99
N SER A 372 12.57 6.08 15.13
CA SER A 372 11.46 6.79 15.77
CA SER A 372 11.46 6.80 15.77
C SER A 372 10.35 6.99 14.73
N GLN A 373 9.10 7.00 15.19
CA GLN A 373 7.97 7.25 14.31
C GLN A 373 8.14 8.57 13.57
N PRO A 374 7.87 8.61 12.28
CA PRO A 374 8.08 9.82 11.49
C PRO A 374 7.38 11.07 12.02
N THR A 375 8.12 12.19 11.95
CA THR A 375 7.62 13.52 12.28
C THR A 375 8.11 14.48 11.21
N GLY A 376 7.67 15.74 11.32
CA GLY A 376 8.11 16.79 10.45
C GLY A 376 7.38 16.82 9.12
N ASP A 377 7.97 17.55 8.19
CA ASP A 377 7.31 17.88 6.92
C ASP A 377 7.13 16.76 5.92
N TYR A 378 7.87 15.67 6.06
CA TYR A 378 7.79 14.55 5.13
C TYR A 378 7.15 13.35 5.77
N ARG A 379 6.38 13.57 6.83
CA ARG A 379 5.86 12.44 7.57
C ARG A 379 4.65 11.76 6.91
N TYR A 380 3.98 12.38 5.94
CA TYR A 380 2.79 11.74 5.34
C TYR A 380 3.12 10.36 4.75
N TYR A 381 4.03 10.32 3.79
CA TYR A 381 4.33 9.08 3.09
C TYR A 381 5.11 8.13 4.00
N ASN A 382 6.15 8.65 4.64
CA ASN A 382 6.95 7.88 5.57
C ASN A 382 6.13 7.32 6.73
N GLY A 383 5.30 8.19 7.30
CA GLY A 383 4.50 7.84 8.46
C GLY A 383 3.38 6.86 8.13
N SER A 384 2.76 7.01 6.95
CA SER A 384 1.73 6.08 6.55
C SER A 384 2.31 4.69 6.32
N LEU A 385 3.46 4.62 5.66
CA LEU A 385 4.11 3.34 5.42
C LEU A 385 4.58 2.70 6.72
N TYR A 386 5.06 3.55 7.63
CA TYR A 386 5.53 3.12 8.93
C TYR A 386 4.40 2.45 9.70
N MET A 387 3.21 3.04 9.65
CA MET A 387 2.03 2.49 10.32
C MET A 387 1.66 1.11 9.75
N LEU A 388 1.61 1.03 8.42
CA LEU A 388 1.28 -0.24 7.79
C LEU A 388 2.30 -1.32 8.15
N ALA A 389 3.57 -0.94 8.14
CA ALA A 389 4.64 -1.90 8.41
C ALA A 389 4.58 -2.38 9.85
N MET A 390 4.21 -1.49 10.76
CA MET A 390 4.10 -1.86 12.17
C MET A 390 3.04 -2.93 12.33
N LEU A 391 1.95 -2.83 11.56
CA LEU A 391 0.92 -3.87 11.59
C LEU A 391 1.44 -5.17 10.98
N HIS A 392 2.10 -5.08 9.84
CA HIS A 392 2.56 -6.27 9.14
C HIS A 392 3.61 -7.08 9.93
N VAL A 393 4.46 -6.41 10.69
CA VAL A 393 5.59 -7.09 11.35
C VAL A 393 5.25 -7.48 12.80
N SER A 394 4.02 -7.23 13.23
CA SER A 394 3.58 -7.55 14.58
C SER A 394 2.42 -8.58 14.58
N GLY A 395 2.14 -9.17 13.42
CA GLY A 395 1.05 -10.12 13.30
C GLY A 395 -0.35 -9.53 13.34
N ASN A 396 -0.46 -8.22 13.11
CA ASN A 396 -1.73 -7.52 13.21
C ASN A 396 -2.45 -7.24 11.89
N PHE A 397 -1.80 -7.55 10.77
CA PHE A 397 -2.41 -7.36 9.46
C PHE A 397 -3.01 -8.67 9.04
N LYS A 398 -4.31 -8.80 9.24
CA LYS A 398 -5.04 -10.04 9.02
C LYS A 398 -6.19 -9.84 8.06
N PHE A 399 -6.66 -10.93 7.46
CA PHE A 399 -7.84 -10.94 6.61
C PHE A 399 -9.00 -11.47 7.44
N TYR A 400 -10.07 -10.68 7.53
CA TYR A 400 -11.27 -11.04 8.26
C TYR A 400 -12.39 -11.32 7.26
N ASN A 401 -12.75 -12.59 7.13
CA ASN A 401 -13.78 -12.98 6.16
C ASN A 401 -15.18 -12.66 6.65
N ASN A 402 -16.03 -12.27 5.72
CA ASN A 402 -17.45 -12.15 6.01
C ASN A 402 -18.11 -13.54 6.02
N THR A 403 -19.24 -13.64 6.70
CA THR A 403 -20.06 -14.86 6.74
C THR A 403 -21.37 -14.64 5.97
N PHE A 404 -21.80 -15.68 5.26
CA PHE A 404 -23.00 -15.60 4.42
C PHE A 404 -24.02 -16.71 4.80
O1 XYP B . 11.10 12.78 -0.09
C1 XYP B . 9.74 12.85 -0.49
C2 XYP B . 9.60 13.12 -1.97
C3 XYP B . 8.12 13.02 -2.39
C4 XYP B . 7.47 11.75 -1.88
C5 XYP B . 7.77 11.60 -0.39
O2 XYP B . 10.09 14.41 -2.28
O3 XYP B . 7.94 13.13 -3.80
O4 XYP B . 6.09 11.93 -2.06
O5 XYP B . 9.18 11.65 -0.19
C1 XYP B . 5.29 10.73 -2.15
C2 XYP B . 3.88 11.22 -1.89
C3 XYP B . 2.85 10.13 -2.21
C4 XYP B . 3.10 9.52 -3.58
C5 XYP B . 4.56 9.05 -3.62
O2 XYP B . 3.74 11.71 -0.56
O3 XYP B . 1.54 10.62 -2.16
O4 XYP B . 2.20 8.44 -3.77
O5 XYP B . 5.40 10.17 -3.39
C1 XYP B . 1.63 8.44 -5.12
C2 XYP B . 0.74 7.24 -5.29
C3 XYP B . 0.15 7.21 -6.71
C4 XYP B . -0.30 8.59 -7.22
C5 XYP B . 0.70 9.68 -6.85
O2 XYP B . 1.39 6.01 -5.12
O3 XYP B . -0.88 6.23 -6.80
O4 XYP B . -0.41 8.44 -8.62
O5 XYP B . 0.96 9.61 -5.44
C1 XYP B . -1.13 9.47 -9.31
C2 XYP B . -0.14 10.11 -10.27
C3 XYP B . -0.79 10.95 -11.40
C4 XYP B . -2.08 10.31 -11.89
C5 XYP B . -2.95 9.79 -10.74
O2 XYP B . 0.81 10.88 -9.55
O3 XYP B . 0.09 11.14 -12.51
O4 XYP B . -2.75 11.21 -12.61
O5 XYP B . -2.21 8.92 -9.95
C1 XYP B . -3.23 10.83 -13.90
C2 XYP B . -4.29 11.84 -14.31
C3 XYP B . -4.79 11.53 -15.73
C4 XYP B . -3.59 11.43 -16.69
C5 XYP B . -2.63 10.40 -16.12
O2 XYP B . -5.37 11.78 -13.39
O3 XYP B . -5.75 12.50 -16.11
O4 XYP B . -3.97 11.04 -18.01
O5 XYP B . -2.21 10.78 -14.82
O1 XYP C . 18.78 -18.81 1.16
C1 XYP C . 19.53 -17.89 0.40
C2 XYP C . 19.08 -17.89 -1.04
C3 XYP C . 20.02 -17.00 -1.84
C4 XYP C . 20.18 -15.60 -1.21
C5 XYP C . 20.20 -15.66 0.31
O2 XYP C . 19.05 -19.19 -1.57
O3 XYP C . 19.51 -16.89 -3.15
O4 XYP C . 21.41 -15.01 -1.60
O5 XYP C . 19.34 -16.64 0.88
C1 XYP C . 21.30 -13.62 -1.96
C2 XYP C . 22.49 -12.85 -1.46
C3 XYP C . 22.44 -11.40 -1.95
C4 XYP C . 22.23 -11.34 -3.46
C5 XYP C . 21.01 -12.19 -3.79
O2 XYP C . 22.53 -12.84 -0.06
O3 XYP C . 23.61 -10.71 -1.61
O4 XYP C . 22.03 -10.02 -3.89
O5 XYP C . 21.21 -13.50 -3.30
C1 XYP C . 22.81 -9.60 -5.00
C2 XYP C . 22.14 -8.41 -5.66
C3 XYP C . 22.96 -7.92 -6.84
C4 XYP C . 24.41 -7.68 -6.42
C5 XYP C . 24.95 -8.87 -5.62
O2 XYP C . 20.84 -8.78 -6.06
O3 XYP C . 22.39 -6.74 -7.37
O4 XYP C . 25.21 -7.44 -7.47
O5 XYP C . 24.07 -9.31 -4.60
C1 XYP C . 25.60 -6.17 -7.92
C2 XYP C . 26.77 -6.33 -8.87
C3 XYP C . 27.17 -4.97 -9.40
C4 XYP C . 25.99 -4.22 -10.00
C5 XYP C . 24.81 -4.26 -9.01
O2 XYP C . 27.86 -6.87 -8.15
O3 XYP C . 28.21 -5.02 -10.38
O4 XYP C . 26.40 -2.90 -10.24
O5 XYP C . 24.54 -5.55 -8.52
C1 XYP C . 25.91 -2.38 -11.49
C2 XYP C . 25.37 -1.00 -11.23
C3 XYP C . 24.92 -0.36 -12.52
C4 XYP C . 26.07 -0.36 -13.54
C5 XYP C . 26.58 -1.80 -13.70
O2 XYP C . 24.30 -1.03 -10.31
O3 XYP C . 24.51 0.95 -12.25
O4 XYP C . 25.63 0.18 -14.78
O5 XYP C . 26.89 -2.38 -12.45
#